data_7R5X
#
_entry.id   7R5X
#
_cell.length_a   91.940
_cell.length_b   96.990
_cell.length_c   119.440
_cell.angle_alpha   90.000
_cell.angle_beta   90.000
_cell.angle_gamma   90.000
#
_symmetry.space_group_name_H-M   'C 2 2 21'
#
loop_
_entity.id
_entity.type
_entity.pdbx_description
1 polymer 'Poly [ADP-ribose] polymerase tankyrase-2'
2 polymer 'Poly [ADP-ribose] polymerase tankyrase-2'
3 non-polymer 7-methyl-[1,2,4]triazolo[3,4-b][1,3]benzothiazole
4 non-polymer 'ZINC ION'
5 non-polymer 'SULFATE ION'
6 non-polymer GLYCEROL
7 water water
#
loop_
_entity_poly.entity_id
_entity_poly.type
_entity_poly.pdbx_seq_one_letter_code
_entity_poly.pdbx_strand_id
1 'polypeptide(L)'
;SMLNTSGSGTILIDLSPDDKEFQSVEEEMQSTVREHRDGGHAGGIFNRYNILKIQKVCNKKLWERYTHRRKEVSEENHNH
ANERMLFHGSPFVNAIIHKGFDERHAYIGGMFGAGIYFAENSSKSNQYVYGIGGGTGCPVHKDRSCYICHRQLLFCRVTL
GKSFLQFSAMK
;
AAA,BBB
2 'polypeptide(L)' MAHSPPGHHSVTGRPSVNGLALAEYVIYRGEQAYPEYLITYQIMRPEG A,B
#
loop_
_chem_comp.id
_chem_comp.type
_chem_comp.name
_chem_comp.formula
GOL non-polymer GLYCEROL 'C3 H8 O3'
I6D non-polymer 7-methyl-[1,2,4]triazolo[3,4-b][1,3]benzothiazole 'C9 H7 N3 S'
SO4 non-polymer 'SULFATE ION' 'O4 S -2'
ZN non-polymer 'ZINC ION' 'Zn 2'
#
# COMPACT_ATOMS: atom_id res chain seq x y z
N SER A 8 4.32 37.55 -2.76
CA SER A 8 3.68 36.31 -3.30
C SER A 8 2.27 36.62 -3.83
N GLY A 9 1.57 37.57 -3.20
CA GLY A 9 0.17 37.90 -3.48
C GLY A 9 -0.79 37.24 -2.49
N THR A 10 -0.31 36.36 -1.60
CA THR A 10 -1.22 35.55 -0.72
C THR A 10 -1.51 36.28 0.59
N ILE A 11 -2.79 36.41 0.94
CA ILE A 11 -3.22 36.84 2.30
C ILE A 11 -4.04 35.71 2.92
N LEU A 12 -3.88 35.55 4.24
CA LEU A 12 -4.59 34.57 5.09
C LEU A 12 -5.60 35.33 5.94
N ILE A 13 -6.87 35.03 5.78
CA ILE A 13 -7.99 35.59 6.58
C ILE A 13 -8.41 34.57 7.64
N ASP A 14 -8.31 34.93 8.91
CA ASP A 14 -8.82 34.12 10.04
C ASP A 14 -10.34 34.03 9.97
N LEU A 15 -10.89 32.82 9.99
CA LEU A 15 -12.34 32.62 10.16
C LEU A 15 -12.65 32.55 11.66
N SER A 16 -13.71 33.24 12.07
CA SER A 16 -14.28 33.15 13.44
C SER A 16 -14.85 31.75 13.62
N PRO A 17 -14.66 31.12 14.80
CA PRO A 17 -15.37 29.88 15.13
C PRO A 17 -16.91 29.97 15.00
N ASP A 18 -17.48 31.18 15.09
CA ASP A 18 -18.92 31.46 14.87
C ASP A 18 -19.30 31.42 13.38
N ASP A 19 -18.33 31.51 12.47
CA ASP A 19 -18.58 31.54 11.01
C ASP A 19 -19.00 30.14 10.55
N LYS A 20 -20.10 30.06 9.81
CA LYS A 20 -20.64 28.80 9.21
C LYS A 20 -19.57 28.12 8.36
N GLU A 21 -18.64 28.89 7.78
CA GLU A 21 -17.54 28.38 6.92
C GLU A 21 -16.50 27.63 7.78
N PHE A 22 -16.09 28.21 8.90
CA PHE A 22 -15.22 27.57 9.91
C PHE A 22 -15.86 26.24 10.34
N GLN A 23 -17.16 26.29 10.65
CA GLN A 23 -17.93 25.17 11.21
C GLN A 23 -18.05 24.03 10.18
N SER A 24 -18.32 24.31 8.90
CA SER A 24 -18.45 23.24 7.88
C SER A 24 -17.06 22.64 7.59
N VAL A 25 -15.99 23.46 7.60
CA VAL A 25 -14.60 22.97 7.37
C VAL A 25 -14.18 22.12 8.57
N GLU A 26 -14.43 22.57 9.82
CA GLU A 26 -14.10 21.75 11.01
C GLU A 26 -14.84 20.41 10.92
N GLU A 27 -16.12 20.41 10.52
CA GLU A 27 -16.92 19.15 10.52
C GLU A 27 -16.34 18.17 9.49
N GLU A 28 -15.87 18.65 8.34
CA GLU A 28 -15.27 17.78 7.31
C GLU A 28 -13.93 17.23 7.83
N MET A 29 -13.17 18.05 8.53
CA MET A 29 -11.91 17.61 9.19
C MET A 29 -12.21 16.50 10.23
N GLN A 30 -13.16 16.73 11.14
CA GLN A 30 -13.41 15.81 12.28
C GLN A 30 -14.10 14.54 11.81
N SER A 31 -15.05 14.65 10.87
CA SER A 31 -15.95 13.53 10.48
C SER A 31 -15.21 12.55 9.56
N THR A 32 -14.05 12.89 9.02
CA THR A 32 -13.30 12.01 8.08
C THR A 32 -12.07 11.39 8.75
N VAL A 33 -11.98 11.42 10.09
CA VAL A 33 -10.95 10.65 10.83
C VAL A 33 -11.30 9.15 10.76
N ARG A 34 -10.31 8.31 10.51
CA ARG A 34 -10.51 6.83 10.59
C ARG A 34 -9.26 6.24 11.24
N GLU A 35 -9.35 4.97 11.60
CA GLU A 35 -8.18 4.16 12.03
C GLU A 35 -7.36 3.80 10.79
N HIS A 36 -6.07 3.68 10.98
CA HIS A 36 -5.08 3.44 9.89
C HIS A 36 -4.45 2.07 10.14
N ARG A 37 -4.07 1.38 9.07
CA ARG A 37 -3.62 -0.03 9.15
C ARG A 37 -2.26 -0.07 9.87
N ASP A 38 -1.59 1.08 10.00
CA ASP A 38 -0.29 1.16 10.71
C ASP A 38 -0.47 1.35 12.22
N GLY A 39 -1.70 1.28 12.73
CA GLY A 39 -2.00 1.49 14.16
C GLY A 39 -1.56 2.87 14.66
N GLY A 40 -1.28 3.82 13.76
CA GLY A 40 -0.93 5.20 14.12
C GLY A 40 0.55 5.50 13.99
N HIS A 41 1.33 4.59 13.41
CA HIS A 41 2.79 4.75 13.21
C HIS A 41 3.10 6.07 12.50
N ALA A 42 2.49 6.33 11.34
CA ALA A 42 2.87 7.49 10.49
C ALA A 42 2.28 8.78 11.07
N GLY A 43 1.02 8.77 11.51
CA GLY A 43 0.25 10.00 11.81
C GLY A 43 -0.04 10.21 13.29
N GLY A 44 0.16 9.19 14.12
CA GLY A 44 -0.16 9.24 15.56
C GLY A 44 -1.47 8.53 15.88
N ILE A 45 -1.73 8.34 17.18
CA ILE A 45 -2.95 7.66 17.71
C ILE A 45 -3.91 8.76 18.14
N PHE A 46 -5.08 8.83 17.52
CA PHE A 46 -6.12 9.86 17.80
C PHE A 46 -7.42 9.47 17.13
N ASN A 47 -8.52 9.97 17.69
CA ASN A 47 -9.88 9.80 17.13
C ASN A 47 -10.42 11.16 16.67
N ARG A 48 -9.79 12.26 17.07
CA ARG A 48 -10.30 13.61 16.77
C ARG A 48 -9.19 14.63 16.95
N TYR A 49 -9.43 15.83 16.46
CA TYR A 49 -8.46 16.95 16.50
C TYR A 49 -8.95 18.04 17.46
N ASN A 50 -7.97 18.80 17.95
CA ASN A 50 -8.18 20.15 18.52
C ASN A 50 -7.91 21.16 17.40
N ILE A 51 -8.95 21.74 16.80
CA ILE A 51 -8.79 22.75 15.71
C ILE A 51 -8.42 24.07 16.38
N LEU A 52 -7.26 24.63 16.05
CA LEU A 52 -6.72 25.85 16.68
C LEU A 52 -7.06 27.06 15.81
N LYS A 53 -7.07 26.90 14.48
CA LYS A 53 -7.24 28.03 13.54
C LYS A 53 -7.66 27.48 12.19
N ILE A 54 -8.57 28.20 11.51
CA ILE A 54 -8.87 27.97 10.07
C ILE A 54 -8.74 29.33 9.37
N GLN A 55 -7.83 29.40 8.40
CA GLN A 55 -7.59 30.59 7.57
C GLN A 55 -7.97 30.31 6.13
N LYS A 56 -8.68 31.26 5.53
CA LYS A 56 -9.01 31.26 4.09
C LYS A 56 -7.77 31.74 3.33
N VAL A 57 -7.37 31.04 2.28
CA VAL A 57 -6.16 31.37 1.46
C VAL A 57 -6.63 32.15 0.23
N CYS A 58 -6.13 33.38 0.05
CA CYS A 58 -6.58 34.32 -1.01
C CYS A 58 -5.37 34.74 -1.83
N ASN A 59 -5.34 34.28 -3.08
CA ASN A 59 -4.31 34.63 -4.08
C ASN A 59 -5.00 34.73 -5.44
N LYS A 60 -5.15 35.97 -5.91
CA LYS A 60 -5.76 36.30 -7.22
C LYS A 60 -5.12 35.45 -8.32
N LYS A 61 -3.79 35.50 -8.44
CA LYS A 61 -3.03 34.85 -9.54
C LYS A 61 -3.23 33.34 -9.48
N LEU A 62 -3.11 32.72 -8.29
CA LEU A 62 -3.23 31.25 -8.15
C LEU A 62 -4.68 30.83 -8.42
N TRP A 63 -5.66 31.68 -8.06
CA TRP A 63 -7.10 31.38 -8.29
C TRP A 63 -7.43 31.42 -9.78
N GLU A 64 -6.93 32.41 -10.53
CA GLU A 64 -7.17 32.52 -11.99
C GLU A 64 -6.46 31.38 -12.73
N ARG A 65 -5.30 30.94 -12.23
N ARG A 65 -5.28 30.96 -12.25
CA ARG A 65 -4.55 29.77 -12.76
CA ARG A 65 -4.54 29.77 -12.74
C ARG A 65 -5.43 28.52 -12.57
C ARG A 65 -5.47 28.56 -12.60
N TYR A 66 -6.07 28.38 -11.41
CA TYR A 66 -7.00 27.26 -11.11
C TYR A 66 -8.23 27.29 -12.03
N THR A 67 -8.95 28.41 -12.09
CA THR A 67 -10.23 28.53 -12.85
C THR A 67 -9.95 28.41 -14.35
N HIS A 68 -8.77 28.83 -14.80
CA HIS A 68 -8.36 28.70 -16.23
C HIS A 68 -8.21 27.21 -16.58
N ARG A 69 -7.49 26.44 -15.78
CA ARG A 69 -7.30 24.99 -16.02
C ARG A 69 -8.66 24.29 -15.85
N ARG A 70 -9.51 24.75 -14.92
CA ARG A 70 -10.80 24.11 -14.58
C ARG A 70 -11.72 24.19 -15.80
N LYS A 71 -11.76 25.36 -16.46
CA LYS A 71 -12.54 25.57 -17.72
C LYS A 71 -12.00 24.62 -18.81
N GLU A 72 -10.69 24.47 -18.95
CA GLU A 72 -10.10 23.55 -19.96
C GLU A 72 -10.60 22.12 -19.72
N VAL A 73 -10.54 21.67 -18.48
CA VAL A 73 -10.91 20.26 -18.13
C VAL A 73 -12.40 20.09 -18.42
N SER A 74 -13.23 21.02 -17.98
CA SER A 74 -14.72 20.94 -18.11
C SER A 74 -15.10 20.89 -19.60
N GLU A 75 -14.40 21.64 -20.46
CA GLU A 75 -14.70 21.64 -21.92
C GLU A 75 -14.27 20.31 -22.54
N GLU A 76 -13.35 19.56 -21.92
CA GLU A 76 -12.91 18.23 -22.41
C GLU A 76 -13.79 17.11 -21.81
N ASN A 77 -14.77 17.44 -20.95
CA ASN A 77 -15.51 16.44 -20.15
C ASN A 77 -16.99 16.85 -20.01
N HIS A 78 -17.66 17.13 -21.14
CA HIS A 78 -19.09 17.52 -21.22
C HIS A 78 -19.45 18.55 -20.16
N ASN A 79 -18.63 19.61 -20.02
CA ASN A 79 -18.92 20.75 -19.11
CA ASN A 79 -18.86 20.76 -19.10
C ASN A 79 -18.98 20.25 -17.65
N HIS A 80 -18.14 19.29 -17.29
CA HIS A 80 -18.10 18.71 -15.92
C HIS A 80 -16.65 18.71 -15.41
N ALA A 81 -16.31 19.68 -14.57
CA ALA A 81 -15.00 19.80 -13.91
C ALA A 81 -14.79 18.63 -12.96
N ASN A 82 -15.86 18.09 -12.37
CA ASN A 82 -15.79 17.01 -11.35
C ASN A 82 -14.91 17.53 -10.22
N GLU A 83 -15.33 18.64 -9.63
CA GLU A 83 -14.56 19.37 -8.60
C GLU A 83 -14.87 18.80 -7.21
N ARG A 84 -13.83 18.52 -6.42
CA ARG A 84 -13.97 17.99 -5.03
C ARG A 84 -13.28 18.94 -4.07
N MET A 85 -13.65 18.88 -2.79
CA MET A 85 -12.86 19.45 -1.69
C MET A 85 -12.15 18.30 -0.99
N LEU A 86 -10.80 18.32 -1.00
CA LEU A 86 -9.95 17.23 -0.51
C LEU A 86 -8.84 17.76 0.39
N PHE A 87 -8.33 16.93 1.29
CA PHE A 87 -7.24 17.29 2.22
C PHE A 87 -5.91 17.03 1.54
N HIS A 88 -4.93 17.86 1.87
CA HIS A 88 -3.51 17.65 1.48
C HIS A 88 -2.59 17.92 2.68
N GLY A 89 -1.72 16.97 3.00
CA GLY A 89 -0.71 17.14 4.07
C GLY A 89 0.69 17.16 3.49
N SER A 90 1.51 18.11 3.93
CA SER A 90 2.87 18.35 3.40
C SER A 90 3.69 19.17 4.40
N PRO A 91 5.00 18.88 4.54
CA PRO A 91 5.91 19.81 5.23
C PRO A 91 6.04 21.17 4.50
N PHE A 92 5.54 21.30 3.27
CA PHE A 92 5.80 22.48 2.40
C PHE A 92 4.53 23.32 2.17
N VAL A 93 3.58 23.27 3.10
CA VAL A 93 2.31 24.06 3.02
C VAL A 93 2.63 25.55 2.83
N ASN A 94 3.69 26.05 3.46
CA ASN A 94 4.08 27.49 3.33
C ASN A 94 4.42 27.81 1.88
N ALA A 95 5.14 26.95 1.17
CA ALA A 95 5.45 27.13 -0.26
C ALA A 95 4.17 26.97 -1.10
N ILE A 96 3.28 26.05 -0.71
CA ILE A 96 2.05 25.77 -1.50
C ILE A 96 1.14 27.01 -1.46
N ILE A 97 0.90 27.58 -0.28
CA ILE A 97 -0.10 28.70 -0.17
C ILE A 97 0.45 29.96 -0.87
N HIS A 98 1.77 30.11 -1.03
CA HIS A 98 2.40 31.32 -1.63
C HIS A 98 2.62 31.16 -3.13
N LYS A 99 3.06 30.00 -3.60
CA LYS A 99 3.48 29.78 -5.02
C LYS A 99 2.59 28.74 -5.70
N GLY A 100 1.74 28.02 -4.96
CA GLY A 100 0.77 27.08 -5.54
C GLY A 100 1.34 25.68 -5.63
N PHE A 101 0.55 24.71 -6.09
CA PHE A 101 1.04 23.34 -6.32
C PHE A 101 1.85 23.33 -7.61
N ASP A 102 2.91 22.52 -7.65
CA ASP A 102 3.73 22.26 -8.86
C ASP A 102 4.51 20.97 -8.60
N GLU A 103 5.37 20.56 -9.54
CA GLU A 103 6.04 19.23 -9.54
C GLU A 103 6.85 19.02 -8.26
N ARG A 104 7.30 20.10 -7.61
CA ARG A 104 8.06 20.03 -6.32
C ARG A 104 7.20 19.40 -5.21
N HIS A 105 5.87 19.42 -5.35
CA HIS A 105 4.89 18.88 -4.35
C HIS A 105 4.35 17.51 -4.79
N ALA A 106 4.84 16.99 -5.92
CA ALA A 106 4.52 15.64 -6.41
C ALA A 106 5.24 14.64 -5.50
N TYR A 107 4.75 13.40 -5.41
CA TYR A 107 5.52 12.27 -4.83
C TYR A 107 5.90 11.29 -5.95
N ILE A 108 7.22 11.19 -6.22
CA ILE A 108 7.80 10.42 -7.35
C ILE A 108 7.52 8.93 -7.14
N GLY A 109 7.59 8.44 -5.91
CA GLY A 109 7.44 7.02 -5.55
C GLY A 109 6.03 6.65 -5.10
N GLY A 110 5.02 7.49 -5.40
CA GLY A 110 3.61 7.22 -5.05
C GLY A 110 3.06 6.03 -5.82
N MET A 111 2.05 5.36 -5.26
CA MET A 111 1.45 4.12 -5.82
C MET A 111 0.83 4.36 -7.21
N PHE A 112 0.47 5.60 -7.53
CA PHE A 112 -0.13 5.97 -8.85
C PHE A 112 0.84 6.88 -9.63
N GLY A 113 2.12 6.84 -9.30
CA GLY A 113 3.19 7.53 -10.05
C GLY A 113 3.50 8.90 -9.46
N ALA A 114 4.32 9.67 -10.18
CA ALA A 114 4.79 11.01 -9.78
C ALA A 114 3.67 12.03 -10.02
N GLY A 115 2.78 12.19 -9.04
CA GLY A 115 1.74 13.23 -9.08
C GLY A 115 1.53 13.88 -7.73
N ILE A 116 0.49 14.70 -7.63
CA ILE A 116 0.09 15.36 -6.36
C ILE A 116 -1.10 14.61 -5.79
N TYR A 117 -0.93 14.09 -4.57
CA TYR A 117 -1.86 13.17 -3.87
C TYR A 117 -2.77 13.97 -2.92
N PHE A 118 -4.06 13.64 -2.91
CA PHE A 118 -5.09 14.23 -2.02
C PHE A 118 -5.91 13.10 -1.41
N ALA A 119 -6.51 13.35 -0.24
CA ALA A 119 -7.31 12.33 0.47
C ALA A 119 -8.67 12.89 0.91
N GLU A 120 -9.70 12.04 0.84
CA GLU A 120 -11.04 12.31 1.44
C GLU A 120 -10.92 12.19 2.97
N ASN A 121 -10.05 11.32 3.46
CA ASN A 121 -9.79 11.16 4.92
C ASN A 121 -8.75 12.19 5.39
N SER A 122 -9.17 13.13 6.24
CA SER A 122 -8.24 14.08 6.90
C SER A 122 -7.10 13.31 7.58
N SER A 123 -7.41 12.17 8.21
CA SER A 123 -6.42 11.36 8.97
C SER A 123 -5.38 10.75 8.02
N LYS A 124 -5.74 10.52 6.75
CA LYS A 124 -4.77 10.06 5.72
C LYS A 124 -3.78 11.20 5.41
N SER A 125 -4.26 12.40 5.10
CA SER A 125 -3.39 13.59 4.85
C SER A 125 -2.51 13.87 6.09
N ASN A 126 -3.03 13.61 7.28
CA ASN A 126 -2.29 13.83 8.55
C ASN A 126 -1.00 13.00 8.57
N GLN A 127 -1.00 11.82 7.94
CA GLN A 127 0.20 10.92 7.90
C GLN A 127 1.35 11.54 7.09
N TYR A 128 1.12 12.64 6.38
CA TYR A 128 2.12 13.27 5.48
C TYR A 128 2.53 14.68 5.93
N VAL A 129 1.99 15.22 7.01
CA VAL A 129 2.31 16.61 7.45
CA VAL A 129 2.32 16.62 7.42
C VAL A 129 3.82 16.69 7.74
N TYR A 130 4.39 15.65 8.34
CA TYR A 130 5.82 15.63 8.76
C TYR A 130 6.70 14.87 7.76
N GLY A 131 6.14 14.50 6.61
CA GLY A 131 6.88 13.85 5.50
C GLY A 131 6.26 12.52 5.14
N ILE A 132 6.86 11.81 4.19
CA ILE A 132 6.37 10.49 3.71
C ILE A 132 6.35 9.56 4.91
N GLY A 133 5.19 8.98 5.22
CA GLY A 133 5.01 8.03 6.34
C GLY A 133 5.30 8.71 7.68
N GLY A 134 5.09 10.02 7.75
CA GLY A 134 5.30 10.84 8.95
C GLY A 134 6.74 11.29 9.18
N GLY A 135 7.67 10.92 8.30
CA GLY A 135 9.11 11.24 8.44
C GLY A 135 9.62 10.86 9.81
N THR A 136 10.28 11.80 10.50
CA THR A 136 10.79 11.61 11.89
C THR A 136 9.83 12.27 12.90
N GLY A 137 8.64 12.67 12.45
CA GLY A 137 7.63 13.29 13.32
C GLY A 137 7.91 14.77 13.56
N CYS A 138 7.33 15.34 14.61
CA CYS A 138 7.39 16.82 14.86
C CYS A 138 8.85 17.26 14.91
N PRO A 139 9.16 18.48 14.43
CA PRO A 139 10.52 19.03 14.50
C PRO A 139 11.14 19.04 15.91
N VAL A 140 10.34 19.29 16.95
CA VAL A 140 10.83 19.57 18.33
C VAL A 140 11.07 18.26 19.07
N HIS A 141 10.12 17.30 19.05
CA HIS A 141 10.16 16.08 19.89
C HIS A 141 10.49 14.84 19.07
N LYS A 142 10.65 14.95 17.75
CA LYS A 142 10.93 13.80 16.83
C LYS A 142 9.86 12.73 17.04
N ASP A 143 8.61 13.15 17.24
CA ASP A 143 7.51 12.25 17.65
C ASP A 143 6.39 12.33 16.60
N ARG A 144 6.15 11.24 15.88
CA ARG A 144 5.09 11.16 14.85
C ARG A 144 3.70 11.24 15.51
N SER A 145 3.58 10.89 16.79
CA SER A 145 2.32 10.99 17.57
C SER A 145 2.32 12.18 18.55
N CYS A 146 3.08 13.24 18.28
CA CYS A 146 3.15 14.44 19.18
C CYS A 146 1.74 15.03 19.39
N TYR A 147 1.32 15.15 20.65
CA TYR A 147 0.02 15.75 21.06
C TYR A 147 0.19 17.24 21.40
N ILE A 148 1.41 17.75 21.31
CA ILE A 148 1.80 19.13 21.73
C ILE A 148 1.96 20.03 20.50
N CYS A 149 2.81 19.64 19.57
CA CYS A 149 3.21 20.49 18.40
C CYS A 149 2.00 20.72 17.49
N HIS A 150 1.91 21.94 16.96
CA HIS A 150 0.83 22.42 16.05
C HIS A 150 1.10 21.87 14.65
N ARG A 151 0.12 21.23 14.03
CA ARG A 151 0.20 20.68 12.66
C ARG A 151 -0.64 21.55 11.74
N GLN A 152 -0.36 21.54 10.44
CA GLN A 152 -1.20 22.23 9.43
C GLN A 152 -1.57 21.27 8.30
N LEU A 153 -2.85 21.30 7.90
CA LEU A 153 -3.38 20.63 6.69
C LEU A 153 -3.93 21.69 5.75
N LEU A 154 -3.98 21.38 4.46
CA LEU A 154 -4.75 22.20 3.49
C LEU A 154 -6.04 21.44 3.19
N PHE A 155 -7.13 22.19 3.08
CA PHE A 155 -8.40 21.72 2.47
C PHE A 155 -8.52 22.44 1.13
N CYS A 156 -8.45 21.67 0.05
CA CYS A 156 -8.17 22.17 -1.31
C CYS A 156 -9.35 21.90 -2.25
N ARG A 157 -9.57 22.84 -3.15
CA ARG A 157 -10.47 22.67 -4.31
C ARG A 157 -9.66 21.96 -5.40
N VAL A 158 -10.12 20.78 -5.82
CA VAL A 158 -9.37 19.89 -6.76
C VAL A 158 -10.26 19.53 -7.94
N THR A 159 -9.79 19.78 -9.17
CA THR A 159 -10.50 19.42 -10.42
C THR A 159 -10.07 17.99 -10.81
N LEU A 160 -11.01 17.03 -10.86
CA LEU A 160 -10.65 15.62 -11.20
C LEU A 160 -10.90 15.34 -12.68
N GLY A 161 -11.81 16.09 -13.31
CA GLY A 161 -12.31 15.81 -14.68
C GLY A 161 -12.65 14.33 -14.81
N LYS A 162 -12.27 13.71 -15.92
CA LYS A 162 -12.41 12.25 -16.13
C LYS A 162 -11.29 11.55 -15.35
N SER A 163 -11.64 10.84 -14.29
CA SER A 163 -10.67 10.22 -13.35
C SER A 163 -10.48 8.75 -13.75
N PHE A 164 -9.24 8.29 -13.85
CA PHE A 164 -8.93 6.86 -14.07
C PHE A 164 -9.15 6.13 -12.75
N LEU A 165 -10.08 5.16 -12.72
N LEU A 165 -10.06 5.14 -12.74
CA LEU A 165 -10.42 4.38 -11.51
CA LEU A 165 -10.43 4.36 -11.54
C LEU A 165 -9.40 3.24 -11.36
C LEU A 165 -9.41 3.21 -11.35
N GLN A 166 -8.65 3.26 -10.25
CA GLN A 166 -7.72 2.18 -9.86
C GLN A 166 -8.30 1.47 -8.63
N PHE A 167 -8.59 0.17 -8.73
CA PHE A 167 -8.99 -0.68 -7.58
C PHE A 167 -7.68 -1.12 -6.91
N SER A 168 -7.59 -0.97 -5.59
N SER A 168 -7.55 -0.92 -5.59
CA SER A 168 -6.31 -1.04 -4.83
CA SER A 168 -6.29 -1.21 -4.86
C SER A 168 -6.56 -1.28 -3.34
C SER A 168 -6.55 -1.31 -3.36
N ALA A 169 -5.60 -1.92 -2.64
CA ALA A 169 -5.64 -2.17 -1.18
C ALA A 169 -5.17 -0.93 -0.42
N MET B 1 7.32 15.19 -13.03
CA MET B 1 5.91 14.80 -12.80
C MET B 1 5.42 13.96 -13.99
N ALA B 2 4.78 12.82 -13.73
CA ALA B 2 4.25 11.86 -14.75
C ALA B 2 3.09 12.50 -15.51
N HIS B 3 2.47 11.78 -16.44
CA HIS B 3 1.25 12.23 -17.18
C HIS B 3 0.04 11.47 -16.65
N SER B 4 -1.15 12.10 -16.66
CA SER B 4 -2.44 11.39 -16.48
C SER B 4 -2.47 10.23 -17.46
N PRO B 5 -3.17 9.12 -17.16
CA PRO B 5 -3.47 8.12 -18.20
C PRO B 5 -4.11 8.80 -19.40
N PRO B 6 -3.78 8.39 -20.64
CA PRO B 6 -4.39 8.98 -21.83
C PRO B 6 -5.91 9.03 -21.74
N GLY B 7 -6.52 10.17 -22.08
CA GLY B 7 -7.98 10.38 -22.03
C GLY B 7 -8.49 10.64 -20.62
N HIS B 8 -7.62 10.92 -19.64
CA HIS B 8 -7.99 11.15 -18.22
C HIS B 8 -7.31 12.41 -17.66
N HIS B 9 -7.91 13.05 -16.64
CA HIS B 9 -7.38 14.29 -16.01
C HIS B 9 -6.80 14.00 -14.61
N SER B 10 -6.98 12.78 -14.11
CA SER B 10 -6.64 12.39 -12.72
C SER B 10 -6.75 10.88 -12.56
N VAL B 11 -6.33 10.40 -11.41
CA VAL B 11 -6.44 8.98 -11.00
C VAL B 11 -7.18 8.97 -9.67
N THR B 12 -8.13 8.07 -9.53
CA THR B 12 -8.81 7.75 -8.26
C THR B 12 -8.24 6.43 -7.74
N GLY B 13 -7.69 6.44 -6.54
CA GLY B 13 -7.32 5.22 -5.81
C GLY B 13 -8.49 4.78 -4.95
N ARG B 14 -9.24 3.78 -5.40
CA ARG B 14 -10.43 3.24 -4.71
C ARG B 14 -9.96 2.16 -3.74
N PRO B 15 -10.33 2.23 -2.44
CA PRO B 15 -9.95 1.21 -1.48
C PRO B 15 -10.67 -0.12 -1.78
N SER B 16 -9.93 -1.24 -1.90
CA SER B 16 -10.45 -2.58 -2.31
C SER B 16 -10.25 -3.65 -1.22
N VAL B 17 -9.87 -3.25 0.01
CA VAL B 17 -9.64 -4.19 1.16
C VAL B 17 -10.25 -3.57 2.42
N ASN B 18 -9.68 -2.45 2.88
CA ASN B 18 -10.12 -1.70 4.08
C ASN B 18 -11.45 -1.01 3.77
N GLY B 19 -12.53 -1.61 4.28
CA GLY B 19 -13.93 -1.18 4.07
C GLY B 19 -14.21 0.20 4.63
N LEU B 20 -13.42 0.69 5.57
CA LEU B 20 -13.69 2.02 6.21
C LEU B 20 -12.91 3.12 5.49
N ALA B 21 -11.99 2.79 4.58
CA ALA B 21 -11.11 3.80 3.93
C ALA B 21 -11.91 4.58 2.89
N LEU B 22 -11.74 5.90 2.83
CA LEU B 22 -12.27 6.73 1.71
C LEU B 22 -11.21 6.79 0.62
N ALA B 23 -11.55 7.35 -0.53
CA ALA B 23 -10.69 7.40 -1.73
C ALA B 23 -9.52 8.39 -1.53
N GLU B 24 -8.46 8.15 -2.29
CA GLU B 24 -7.34 9.09 -2.54
C GLU B 24 -7.33 9.42 -4.03
N TYR B 25 -6.83 10.59 -4.37
CA TYR B 25 -6.86 11.12 -5.74
C TYR B 25 -5.47 11.63 -6.09
N VAL B 26 -5.11 11.55 -7.36
CA VAL B 26 -3.82 12.08 -7.88
C VAL B 26 -4.11 12.93 -9.10
N ILE B 27 -3.51 14.11 -9.14
CA ILE B 27 -3.51 15.02 -10.32
C ILE B 27 -2.05 15.18 -10.75
N TYR B 28 -1.85 15.53 -12.02
CA TYR B 28 -0.53 15.58 -12.67
C TYR B 28 -0.26 16.98 -13.22
N ARG B 29 -1.11 17.94 -12.86
CA ARG B 29 -0.97 19.38 -13.16
C ARG B 29 -1.23 20.15 -11.87
N GLY B 30 -0.27 20.96 -11.41
CA GLY B 30 -0.41 21.79 -10.19
C GLY B 30 -1.62 22.73 -10.28
N GLU B 31 -1.97 23.14 -11.49
CA GLU B 31 -3.06 24.11 -11.77
C GLU B 31 -4.44 23.48 -11.50
N GLN B 32 -4.53 22.16 -11.26
CA GLN B 32 -5.82 21.46 -11.00
C GLN B 32 -6.17 21.43 -9.51
N ALA B 33 -5.45 22.14 -8.64
CA ALA B 33 -5.80 22.29 -7.22
C ALA B 33 -5.57 23.72 -6.76
N TYR B 34 -6.44 24.21 -5.88
CA TYR B 34 -6.30 25.52 -5.22
C TYR B 34 -6.37 25.29 -3.71
N PRO B 35 -5.35 25.72 -2.91
CA PRO B 35 -5.36 25.48 -1.48
C PRO B 35 -6.27 26.48 -0.75
N GLU B 36 -7.55 26.17 -0.56
CA GLU B 36 -8.58 27.16 -0.13
C GLU B 36 -8.45 27.49 1.35
N TYR B 37 -8.21 26.49 2.20
CA TYR B 37 -8.17 26.64 3.67
C TYR B 37 -6.89 26.01 4.23
N LEU B 38 -6.24 26.78 5.10
CA LEU B 38 -5.11 26.34 5.95
C LEU B 38 -5.69 26.07 7.35
N ILE B 39 -5.59 24.82 7.79
CA ILE B 39 -6.14 24.36 9.10
C ILE B 39 -4.97 24.08 10.03
N THR B 40 -4.91 24.79 11.15
CA THR B 40 -3.91 24.57 12.22
C THR B 40 -4.59 23.76 13.34
N TYR B 41 -3.95 22.69 13.79
CA TYR B 41 -4.59 21.73 14.72
C TYR B 41 -3.53 20.97 15.50
N GLN B 42 -4.01 20.27 16.53
CA GLN B 42 -3.26 19.24 17.27
C GLN B 42 -4.07 17.96 17.16
N ILE B 43 -3.41 16.82 17.07
CA ILE B 43 -4.13 15.53 17.27
C ILE B 43 -4.38 15.40 18.77
N MET B 44 -5.49 14.79 19.18
CA MET B 44 -5.86 14.63 20.61
C MET B 44 -5.62 13.19 21.08
N ARG B 45 -4.97 13.05 22.24
CA ARG B 45 -4.75 11.75 22.91
C ARG B 45 -6.12 11.17 23.25
N PRO B 46 -6.44 9.91 22.83
CA PRO B 46 -7.69 9.29 23.22
C PRO B 46 -7.74 9.15 24.75
N GLU B 47 -8.94 9.20 25.36
CA GLU B 47 -9.14 9.02 26.82
C GLU B 47 -8.69 7.62 27.24
N GLY C 7 -9.61 -6.06 15.33
CA GLY C 7 -8.45 -6.04 16.27
C GLY C 7 -7.74 -7.38 16.31
N SER C 8 -7.27 -7.85 15.14
CA SER C 8 -6.45 -9.08 14.95
C SER C 8 -5.12 -8.96 15.71
N GLY C 9 -4.68 -7.73 15.96
CA GLY C 9 -3.37 -7.41 16.53
C GLY C 9 -2.36 -7.10 15.43
N THR C 10 -2.77 -7.15 14.16
CA THR C 10 -1.85 -6.95 13.00
C THR C 10 -1.78 -5.46 12.66
N ILE C 11 -0.56 -4.92 12.60
CA ILE C 11 -0.29 -3.56 12.04
C ILE C 11 0.66 -3.73 10.86
N LEU C 12 0.45 -2.94 9.81
CA LEU C 12 1.31 -2.87 8.60
C LEU C 12 2.11 -1.57 8.69
N ILE C 13 3.44 -1.68 8.72
CA ILE C 13 4.36 -0.51 8.73
C ILE C 13 4.90 -0.34 7.31
N ASP C 14 4.67 0.83 6.71
CA ASP C 14 5.11 1.16 5.34
C ASP C 14 6.63 1.37 5.34
N LEU C 15 7.36 0.68 4.47
CA LEU C 15 8.83 0.87 4.32
C LEU C 15 9.10 1.90 3.23
N SER C 16 9.99 2.85 3.52
CA SER C 16 10.45 3.90 2.58
C SER C 16 11.27 3.23 1.48
N PRO C 17 11.03 3.59 0.19
CA PRO C 17 11.89 3.14 -0.90
C PRO C 17 13.39 3.39 -0.70
N ASP C 18 13.75 4.38 0.13
CA ASP C 18 15.16 4.78 0.41
C ASP C 18 15.73 3.93 1.54
N ASP C 19 14.86 3.19 2.26
CA ASP C 19 15.25 2.15 3.25
C ASP C 19 15.90 0.98 2.49
N LYS C 20 17.03 0.49 2.98
CA LYS C 20 17.78 -0.64 2.36
C LYS C 20 16.97 -1.95 2.56
N GLU C 21 16.15 -2.02 3.60
CA GLU C 21 15.22 -3.16 3.83
C GLU C 21 14.22 -3.29 2.67
N PHE C 22 13.61 -2.18 2.25
CA PHE C 22 12.72 -2.11 1.07
C PHE C 22 13.50 -2.61 -0.16
N GLN C 23 14.71 -2.08 -0.32
CA GLN C 23 15.57 -2.33 -1.51
C GLN C 23 15.99 -3.80 -1.59
N SER C 24 16.24 -4.48 -0.46
CA SER C 24 16.66 -5.90 -0.46
C SER C 24 15.46 -6.77 -0.81
N VAL C 25 14.27 -6.40 -0.33
CA VAL C 25 13.04 -7.18 -0.61
C VAL C 25 12.69 -6.98 -2.09
N GLU C 26 12.75 -5.75 -2.60
CA GLU C 26 12.53 -5.49 -4.04
C GLU C 26 13.53 -6.31 -4.87
N GLU C 27 14.79 -6.40 -4.46
CA GLU C 27 15.83 -7.14 -5.22
C GLU C 27 15.50 -8.64 -5.21
N GLU C 28 15.09 -9.20 -4.08
CA GLU C 28 14.69 -10.63 -3.99
C GLU C 28 13.52 -10.87 -4.95
N MET C 29 12.56 -9.96 -4.99
CA MET C 29 11.42 -10.01 -5.92
C MET C 29 11.89 -9.99 -7.39
N GLN C 30 12.67 -8.98 -7.79
CA GLN C 30 13.02 -8.74 -9.21
C GLN C 30 13.97 -9.83 -9.71
N SER C 31 14.89 -10.28 -8.87
CA SER C 31 16.01 -11.17 -9.27
C SER C 31 15.52 -12.63 -9.37
N THR C 32 14.33 -12.96 -8.88
CA THR C 32 13.81 -14.36 -8.86
C THR C 32 12.62 -14.51 -9.81
N VAL C 33 12.47 -13.57 -10.73
CA VAL C 33 11.56 -13.74 -11.91
C VAL C 33 12.21 -14.77 -12.85
N ARG C 34 11.41 -15.67 -13.40
CA ARG C 34 11.87 -16.56 -14.50
C ARG C 34 10.74 -16.69 -15.53
N GLU C 35 11.05 -17.32 -16.66
CA GLU C 35 10.07 -17.75 -17.67
C GLU C 35 9.35 -18.99 -17.14
N HIS C 36 8.06 -19.11 -17.42
CA HIS C 36 7.22 -20.26 -17.00
C HIS C 36 6.84 -21.06 -18.24
N ARG C 37 6.77 -22.38 -18.09
N ARG C 37 6.76 -22.39 -18.10
CA ARG C 37 6.49 -23.36 -19.19
CA ARG C 37 6.51 -23.33 -19.22
C ARG C 37 5.10 -23.11 -19.80
C ARG C 37 5.09 -23.14 -19.79
N ASP C 38 4.22 -22.37 -19.11
CA ASP C 38 2.84 -22.08 -19.58
C ASP C 38 2.82 -20.83 -20.48
N GLY C 39 3.98 -20.25 -20.78
CA GLY C 39 4.12 -19.05 -21.60
C GLY C 39 3.49 -17.81 -20.95
N GLY C 40 3.13 -17.84 -19.66
CA GLY C 40 2.44 -16.72 -19.00
C GLY C 40 0.94 -16.95 -18.80
N HIS C 41 0.41 -18.12 -19.17
CA HIS C 41 -1.03 -18.45 -19.01
C HIS C 41 -1.52 -18.08 -17.61
N ALA C 42 -0.86 -18.59 -16.57
CA ALA C 42 -1.35 -18.52 -15.17
C ALA C 42 -1.05 -17.12 -14.60
N GLY C 43 0.20 -16.66 -14.76
CA GLY C 43 0.70 -15.46 -14.04
C GLY C 43 0.78 -14.21 -14.91
N GLY C 44 0.70 -14.34 -16.22
CA GLY C 44 0.90 -13.25 -17.20
C GLY C 44 2.30 -13.22 -17.77
N ILE C 45 2.50 -12.34 -18.75
CA ILE C 45 3.77 -12.20 -19.52
C ILE C 45 4.54 -10.98 -18.98
N PHE C 46 5.71 -11.20 -18.39
CA PHE C 46 6.55 -10.12 -17.81
C PHE C 46 7.94 -10.66 -17.49
N ASN C 47 8.93 -9.75 -17.44
CA ASN C 47 10.32 -10.01 -17.01
C ASN C 47 10.59 -9.27 -15.69
N ARG C 48 9.73 -8.35 -15.29
CA ARG C 48 9.98 -7.55 -14.06
C ARG C 48 8.67 -6.95 -13.55
N TYR C 49 8.74 -6.44 -12.34
CA TYR C 49 7.62 -5.82 -11.60
C TYR C 49 7.87 -4.32 -11.47
N ASN C 50 6.76 -3.59 -11.38
CA ASN C 50 6.67 -2.24 -10.77
C ASN C 50 6.26 -2.43 -9.30
N ILE C 51 7.21 -2.32 -8.37
CA ILE C 51 6.94 -2.42 -6.91
C ILE C 51 6.33 -1.08 -6.48
N LEU C 52 5.15 -1.13 -5.88
CA LEU C 52 4.38 0.08 -5.50
C LEU C 52 4.51 0.33 -4.00
N LYS C 53 4.59 -0.73 -3.20
CA LYS C 53 4.57 -0.62 -1.72
C LYS C 53 5.11 -1.91 -1.13
N ILE C 54 5.90 -1.78 -0.06
CA ILE C 54 6.32 -2.93 0.80
C ILE C 54 5.98 -2.55 2.24
N GLN C 55 5.16 -3.37 2.89
CA GLN C 55 4.76 -3.20 4.30
C GLN C 55 5.30 -4.34 5.16
N LYS C 56 5.87 -3.97 6.31
CA LYS C 56 6.25 -4.91 7.40
C LYS C 56 4.96 -5.34 8.09
N VAL C 57 4.78 -6.64 8.31
CA VAL C 57 3.61 -7.24 9.02
C VAL C 57 3.99 -7.52 10.47
N CYS C 58 3.30 -6.90 11.43
CA CYS C 58 3.55 -7.06 12.88
C CYS C 58 2.31 -7.61 13.55
N ASN C 59 2.47 -8.74 14.22
CA ASN C 59 1.42 -9.37 15.05
C ASN C 59 2.14 -10.22 16.10
N LYS C 60 2.21 -9.70 17.32
CA LYS C 60 2.92 -10.29 18.50
C LYS C 60 2.43 -11.73 18.70
N LYS C 61 1.12 -11.96 18.69
CA LYS C 61 0.53 -13.31 18.93
C LYS C 61 0.97 -14.28 17.84
N LEU C 62 0.90 -13.90 16.56
CA LEU C 62 1.27 -14.79 15.43
C LEU C 62 2.79 -15.02 15.44
N TRP C 63 3.56 -14.00 15.84
CA TRP C 63 5.04 -14.12 15.98
C TRP C 63 5.37 -15.15 17.08
N GLU C 64 4.76 -15.03 18.26
CA GLU C 64 5.02 -15.94 19.41
C GLU C 64 4.60 -17.37 19.02
N ARG C 65 3.46 -17.53 18.35
CA ARG C 65 2.97 -18.79 17.74
C ARG C 65 4.07 -19.39 16.81
N TYR C 66 4.68 -18.56 15.96
CA TYR C 66 5.77 -18.95 15.04
C TYR C 66 7.02 -19.39 15.82
N THR C 67 7.55 -18.52 16.70
CA THR C 67 8.83 -18.77 17.44
C THR C 67 8.71 -20.01 18.34
N HIS C 68 7.51 -20.28 18.87
CA HIS C 68 7.25 -21.45 19.75
C HIS C 68 7.37 -22.73 18.90
N ARG C 69 6.76 -22.73 17.72
CA ARG C 69 6.87 -23.86 16.76
C ARG C 69 8.32 -23.99 16.27
N ARG C 70 9.02 -22.87 16.03
CA ARG C 70 10.41 -22.87 15.51
C ARG C 70 11.33 -23.58 16.52
N LYS C 71 11.17 -23.26 17.81
CA LYS C 71 11.91 -23.85 18.95
C LYS C 71 11.69 -25.37 18.96
N GLU C 72 10.44 -25.82 18.94
CA GLU C 72 10.07 -27.26 18.84
C GLU C 72 10.83 -27.90 17.68
N VAL C 73 10.68 -27.35 16.47
CA VAL C 73 11.25 -27.95 15.22
C VAL C 73 12.77 -27.99 15.33
N SER C 74 13.38 -26.90 15.78
CA SER C 74 14.85 -26.73 15.92
C SER C 74 15.40 -27.83 16.84
N GLU C 75 14.83 -27.95 18.05
CA GLU C 75 15.19 -28.99 19.05
C GLU C 75 15.04 -30.39 18.44
N GLU C 76 13.96 -30.66 17.71
CA GLU C 76 13.71 -31.96 17.03
C GLU C 76 14.68 -32.18 15.87
N ASN C 77 15.31 -31.12 15.34
CA ASN C 77 16.23 -31.21 14.17
C ASN C 77 17.65 -30.83 14.62
N HIS C 78 17.95 -31.10 15.90
CA HIS C 78 19.31 -30.96 16.50
C HIS C 78 19.79 -29.52 16.36
N ASN C 79 18.96 -28.59 16.85
CA ASN C 79 19.27 -27.14 16.96
CA ASN C 79 19.28 -27.14 16.95
C ASN C 79 19.51 -26.56 15.55
N HIS C 80 18.62 -26.87 14.60
CA HIS C 80 18.62 -26.31 13.23
C HIS C 80 17.18 -26.13 12.74
N ALA C 81 16.65 -24.91 12.82
CA ALA C 81 15.29 -24.53 12.35
C ALA C 81 15.20 -24.65 10.83
N ASN C 82 16.33 -24.43 10.12
CA ASN C 82 16.39 -24.42 8.63
C ASN C 82 15.39 -23.36 8.13
N GLU C 83 15.53 -22.14 8.63
CA GLU C 83 14.59 -21.02 8.39
C GLU C 83 14.95 -20.35 7.07
N ARG C 84 13.95 -20.11 6.21
CA ARG C 84 14.13 -19.47 4.89
C ARG C 84 13.19 -18.26 4.79
N MET C 85 13.48 -17.39 3.83
CA MET C 85 12.54 -16.33 3.38
C MET C 85 12.01 -16.78 2.02
N LEU C 86 10.69 -16.98 1.91
CA LEU C 86 10.04 -17.53 0.70
C LEU C 86 8.78 -16.74 0.36
N PHE C 87 8.44 -16.69 -0.92
CA PHE C 87 7.23 -16.01 -1.43
C PHE C 87 6.02 -16.92 -1.26
N HIS C 88 4.87 -16.29 -1.06
CA HIS C 88 3.53 -16.95 -1.06
C HIS C 88 2.52 -16.04 -1.75
N GLY C 89 1.86 -16.55 -2.77
CA GLY C 89 0.76 -15.85 -3.46
C GLY C 89 -0.56 -16.55 -3.22
N SER C 90 -1.62 -15.77 -3.02
CA SER C 90 -2.94 -16.29 -2.60
C SER C 90 -3.99 -15.21 -2.73
N PRO C 91 -5.25 -15.56 -3.12
CA PRO C 91 -6.36 -14.62 -3.01
C PRO C 91 -6.67 -14.22 -1.55
N PHE C 92 -6.16 -14.96 -0.55
CA PHE C 92 -6.59 -14.81 0.86
C PHE C 92 -5.51 -14.11 1.69
N VAL C 93 -4.64 -13.30 1.06
CA VAL C 93 -3.51 -12.62 1.76
C VAL C 93 -4.08 -11.79 2.92
N ASN C 94 -5.28 -11.21 2.76
CA ASN C 94 -5.93 -10.43 3.84
C ASN C 94 -6.17 -11.30 5.07
N ALA C 95 -6.75 -12.49 4.91
CA ALA C 95 -7.00 -13.44 6.01
C ALA C 95 -5.68 -13.86 6.65
N ILE C 96 -4.64 -14.11 5.84
CA ILE C 96 -3.32 -14.63 6.29
C ILE C 96 -2.67 -13.62 7.23
N ILE C 97 -2.61 -12.33 6.87
CA ILE C 97 -1.85 -11.33 7.69
C ILE C 97 -2.58 -11.08 9.03
N HIS C 98 -3.90 -11.28 9.09
CA HIS C 98 -4.72 -11.01 10.30
C HIS C 98 -4.79 -12.26 11.20
N LYS C 99 -5.00 -13.45 10.63
CA LYS C 99 -5.27 -14.69 11.42
C LYS C 99 -4.18 -15.75 11.21
N GLY C 100 -3.17 -15.49 10.37
CA GLY C 100 -2.05 -16.42 10.14
C GLY C 100 -2.41 -17.52 9.15
N PHE C 101 -1.43 -18.36 8.81
CA PHE C 101 -1.58 -19.55 7.94
C PHE C 101 -2.31 -20.65 8.72
N ASP C 102 -3.13 -21.44 8.02
CA ASP C 102 -3.81 -22.66 8.57
C ASP C 102 -4.28 -23.51 7.39
N GLU C 103 -4.98 -24.62 7.66
CA GLU C 103 -5.43 -25.62 6.66
C GLU C 103 -6.26 -24.97 5.54
N ARG C 104 -6.97 -23.86 5.81
CA ARG C 104 -7.74 -23.11 4.79
C ARG C 104 -6.81 -22.62 3.67
N HIS C 105 -5.54 -22.36 3.99
CA HIS C 105 -4.53 -21.80 3.05
C HIS C 105 -3.70 -22.95 2.44
N ALA C 106 -3.99 -24.21 2.80
CA ALA C 106 -3.38 -25.41 2.19
C ALA C 106 -4.00 -25.63 0.79
N TYR C 107 -3.28 -26.33 -0.11
CA TYR C 107 -3.87 -26.79 -1.39
C TYR C 107 -3.88 -28.33 -1.40
N ILE C 108 -5.08 -28.90 -1.48
CA ILE C 108 -5.37 -30.36 -1.31
C ILE C 108 -4.78 -31.12 -2.52
N GLY C 109 -4.78 -30.49 -3.70
CA GLY C 109 -4.42 -31.14 -4.98
C GLY C 109 -2.96 -30.96 -5.36
N GLY C 110 -2.14 -30.40 -4.46
CA GLY C 110 -0.74 -30.02 -4.75
C GLY C 110 0.14 -31.23 -5.01
N MET C 111 1.26 -31.02 -5.71
CA MET C 111 2.20 -32.08 -6.18
C MET C 111 2.97 -32.75 -5.02
N PHE C 112 3.03 -32.15 -3.83
CA PHE C 112 3.71 -32.75 -2.65
C PHE C 112 2.72 -32.90 -1.49
N GLY C 113 1.43 -32.94 -1.81
CA GLY C 113 0.35 -33.24 -0.84
C GLY C 113 -0.43 -31.99 -0.46
N ALA C 114 -1.36 -32.16 0.50
CA ALA C 114 -2.30 -31.13 0.98
C ALA C 114 -1.62 -30.32 2.10
N GLY C 115 -0.73 -29.38 1.73
CA GLY C 115 -0.01 -28.50 2.67
C GLY C 115 0.00 -27.05 2.19
N ILE C 116 0.79 -26.20 2.84
CA ILE C 116 0.93 -24.76 2.46
C ILE C 116 2.20 -24.62 1.61
N TYR C 117 2.06 -24.08 0.39
CA TYR C 117 3.16 -24.01 -0.60
C TYR C 117 3.82 -22.64 -0.58
N PHE C 118 5.14 -22.62 -0.74
CA PHE C 118 5.97 -21.40 -0.85
C PHE C 118 6.94 -21.60 -2.01
N ALA C 119 7.45 -20.50 -2.57
CA ALA C 119 8.36 -20.53 -3.74
C ALA C 119 9.58 -19.63 -3.50
N GLU C 120 10.73 -20.08 -4.00
CA GLU C 120 11.93 -19.23 -4.13
C GLU C 120 11.73 -18.26 -5.30
N ASN C 121 11.02 -18.68 -6.36
CA ASN C 121 10.75 -17.80 -7.52
C ASN C 121 9.53 -16.92 -7.19
N SER C 122 9.72 -15.60 -7.13
CA SER C 122 8.61 -14.64 -6.96
C SER C 122 7.57 -14.88 -8.08
N SER C 123 8.01 -15.11 -9.33
CA SER C 123 7.13 -15.32 -10.51
C SER C 123 6.30 -16.61 -10.35
N LYS C 124 6.77 -17.59 -9.58
CA LYS C 124 5.98 -18.82 -9.30
C LYS C 124 4.83 -18.43 -8.36
N SER C 125 5.13 -17.76 -7.26
CA SER C 125 4.09 -17.27 -6.31
C SER C 125 3.08 -16.36 -7.04
N ASN C 126 3.54 -15.55 -8.01
CA ASN C 126 2.67 -14.66 -8.80
C ASN C 126 1.59 -15.44 -9.57
N GLN C 127 1.85 -16.70 -9.97
CA GLN C 127 0.85 -17.53 -10.69
C GLN C 127 -0.36 -17.87 -9.81
N TYR C 128 -0.29 -17.69 -8.48
CA TYR C 128 -1.34 -18.12 -7.51
C TYR C 128 -2.07 -16.92 -6.87
N VAL C 129 -1.72 -15.69 -7.23
CA VAL C 129 -2.27 -14.45 -6.58
CA VAL C 129 -2.27 -14.48 -6.54
C VAL C 129 -3.78 -14.40 -6.80
N TYR C 130 -4.25 -14.80 -7.99
CA TYR C 130 -5.67 -14.74 -8.39
C TYR C 130 -6.33 -16.13 -8.30
N GLY C 131 -5.67 -17.10 -7.67
CA GLY C 131 -6.18 -18.46 -7.45
C GLY C 131 -5.31 -19.51 -8.12
N ILE C 132 -5.70 -20.78 -8.03
CA ILE C 132 -4.95 -21.92 -8.63
C ILE C 132 -4.86 -21.68 -10.13
N GLY C 133 -3.66 -21.75 -10.71
CA GLY C 133 -3.46 -21.56 -12.16
C GLY C 133 -3.87 -20.16 -12.58
N GLY C 134 -3.90 -19.21 -11.64
CA GLY C 134 -4.25 -17.80 -11.91
C GLY C 134 -5.76 -17.55 -11.90
N GLY C 135 -6.57 -18.56 -11.57
CA GLY C 135 -8.04 -18.45 -11.55
C GLY C 135 -8.53 -17.84 -12.83
N THR C 136 -9.41 -16.83 -12.74
CA THR C 136 -9.93 -16.07 -13.91
C THR C 136 -9.20 -14.72 -14.02
N GLY C 137 -8.10 -14.56 -13.27
CA GLY C 137 -7.26 -13.34 -13.31
C GLY C 137 -7.84 -12.23 -12.46
N CYS C 138 -7.49 -10.99 -12.74
CA CYS C 138 -7.88 -9.82 -11.92
C CYS C 138 -9.40 -9.74 -11.82
N PRO C 139 -9.98 -9.29 -10.69
CA PRO C 139 -11.42 -9.15 -10.58
C PRO C 139 -12.00 -8.15 -11.59
N VAL C 140 -11.28 -7.06 -11.90
CA VAL C 140 -11.82 -5.94 -12.71
C VAL C 140 -11.89 -6.33 -14.20
N HIS C 141 -10.83 -6.92 -14.75
CA HIS C 141 -10.68 -7.17 -16.21
C HIS C 141 -10.74 -8.67 -16.54
N LYS C 142 -10.72 -9.57 -15.55
CA LYS C 142 -10.65 -11.04 -15.75
C LYS C 142 -9.47 -11.38 -16.65
N ASP C 143 -8.32 -10.77 -16.35
CA ASP C 143 -7.09 -10.87 -17.15
C ASP C 143 -5.98 -11.39 -16.23
N ARG C 144 -5.49 -12.61 -16.49
CA ARG C 144 -4.35 -13.19 -15.73
C ARG C 144 -3.07 -12.42 -16.03
N SER C 145 -3.00 -11.72 -17.16
CA SER C 145 -1.84 -10.88 -17.55
C SER C 145 -2.14 -9.38 -17.36
N CYS C 146 -3.08 -9.00 -16.48
CA CYS C 146 -3.45 -7.57 -16.30
C CYS C 146 -2.19 -6.79 -15.91
N TYR C 147 -1.90 -5.70 -16.63
CA TYR C 147 -0.77 -4.76 -16.38
C TYR C 147 -1.26 -3.52 -15.62
N ILE C 148 -2.55 -3.46 -15.27
CA ILE C 148 -3.20 -2.28 -14.62
C ILE C 148 -3.38 -2.56 -13.12
N CYS C 149 -4.07 -3.66 -12.79
CA CYS C 149 -4.54 -3.96 -11.41
C CYS C 149 -3.35 -4.29 -10.49
N HIS C 150 -3.44 -3.77 -9.27
CA HIS C 150 -2.48 -3.95 -8.15
C HIS C 150 -2.56 -5.39 -7.64
N ARG C 151 -1.41 -6.07 -7.55
CA ARG C 151 -1.27 -7.44 -7.01
C ARG C 151 -0.56 -7.37 -5.65
N GLN C 152 -0.77 -8.38 -4.80
CA GLN C 152 -0.08 -8.54 -3.50
C GLN C 152 0.50 -9.96 -3.39
N LEU C 153 1.77 -10.08 -2.99
CA LEU C 153 2.46 -11.34 -2.58
C LEU C 153 2.88 -11.19 -1.12
N LEU C 154 3.10 -12.29 -0.41
CA LEU C 154 3.76 -12.25 0.92
C LEU C 154 5.20 -12.73 0.75
N PHE C 155 6.12 -12.13 1.46
CA PHE C 155 7.49 -12.67 1.63
C PHE C 155 7.57 -13.09 3.10
N CYS C 156 7.64 -14.40 3.33
CA CYS C 156 7.40 -15.05 4.63
C CYS C 156 8.67 -15.69 5.19
N ARG C 157 8.77 -15.67 6.52
CA ARG C 157 9.75 -16.46 7.30
C ARG C 157 9.16 -17.87 7.48
N VAL C 158 9.86 -18.88 6.97
CA VAL C 158 9.35 -20.28 6.88
C VAL C 158 10.37 -21.20 7.56
N THR C 159 9.93 -21.94 8.58
CA THR C 159 10.72 -22.99 9.28
C THR C 159 10.55 -24.32 8.52
N LEU C 160 11.61 -24.81 7.88
CA LEU C 160 11.57 -26.06 7.08
C LEU C 160 11.97 -27.25 7.95
N GLY C 161 12.77 -27.02 9.00
CA GLY C 161 13.40 -28.06 9.82
C GLY C 161 14.03 -29.14 8.94
N LYS C 162 13.79 -30.40 9.25
CA LYS C 162 14.26 -31.54 8.43
C LYS C 162 13.33 -31.65 7.22
N SER C 163 13.81 -31.24 6.04
CA SER C 163 13.01 -31.19 4.80
C SER C 163 13.22 -32.48 4.00
N PHE C 164 12.14 -33.21 3.72
CA PHE C 164 12.16 -34.38 2.80
C PHE C 164 12.40 -33.85 1.39
N LEU C 165 13.47 -34.31 0.73
CA LEU C 165 13.82 -33.86 -0.63
C LEU C 165 13.06 -34.70 -1.66
N GLN C 166 12.21 -34.05 -2.46
CA GLN C 166 11.44 -34.68 -3.55
C GLN C 166 11.90 -34.04 -4.85
N PHE C 167 12.58 -34.78 -5.71
CA PHE C 167 12.84 -34.34 -7.10
C PHE C 167 11.49 -34.36 -7.82
N SER C 168 11.32 -33.47 -8.78
CA SER C 168 10.02 -33.11 -9.37
C SER C 168 10.26 -32.82 -10.85
N ALA C 169 9.37 -33.31 -11.72
CA ALA C 169 9.27 -32.91 -13.14
C ALA C 169 8.49 -31.60 -13.23
N MET D 1 -5.69 -30.94 6.17
CA MET D 1 -4.24 -30.72 5.92
C MET D 1 -3.46 -32.02 6.17
N ALA D 2 -2.60 -32.41 5.23
CA ALA D 2 -1.78 -33.64 5.25
C ALA D 2 -0.75 -33.59 6.39
N HIS D 3 0.02 -34.66 6.56
CA HIS D 3 1.10 -34.76 7.56
C HIS D 3 2.45 -34.85 6.82
N SER D 4 3.50 -34.28 7.43
CA SER D 4 4.90 -34.36 6.93
C SER D 4 5.29 -35.83 6.80
N PRO D 5 6.17 -36.19 5.84
CA PRO D 5 6.79 -37.53 5.84
C PRO D 5 7.38 -37.83 7.22
N PRO D 6 7.17 -39.06 7.78
CA PRO D 6 7.60 -39.37 9.14
C PRO D 6 9.00 -38.85 9.50
N GLY D 7 9.09 -38.08 10.60
CA GLY D 7 10.35 -37.51 11.14
C GLY D 7 10.85 -36.31 10.33
N HIS D 8 10.03 -35.79 9.40
CA HIS D 8 10.32 -34.57 8.58
C HIS D 8 9.34 -33.45 8.97
N HIS D 9 9.67 -32.20 8.63
CA HIS D 9 8.90 -30.99 9.04
C HIS D 9 8.37 -30.24 7.83
N SER D 10 8.78 -30.67 6.63
CA SER D 10 8.51 -29.98 5.35
C SER D 10 8.96 -30.89 4.20
N VAL D 11 8.54 -30.54 2.98
CA VAL D 11 9.02 -31.18 1.74
C VAL D 11 9.66 -30.10 0.88
N THR D 12 10.78 -30.43 0.25
CA THR D 12 11.48 -29.59 -0.75
C THR D 12 11.12 -30.16 -2.11
N GLY D 13 10.31 -29.41 -2.85
CA GLY D 13 9.94 -29.71 -4.24
C GLY D 13 10.99 -29.13 -5.14
N ARG D 14 11.95 -29.96 -5.56
CA ARG D 14 13.13 -29.46 -6.30
C ARG D 14 12.98 -29.87 -7.76
N PRO D 15 12.63 -28.92 -8.67
CA PRO D 15 12.54 -29.20 -10.10
C PRO D 15 13.81 -29.87 -10.64
N SER D 16 13.66 -31.01 -11.31
CA SER D 16 14.74 -31.86 -11.87
C SER D 16 14.91 -31.62 -13.37
N VAL D 17 13.92 -30.98 -14.02
CA VAL D 17 13.78 -30.89 -15.51
C VAL D 17 14.20 -29.47 -15.96
N ASN D 18 13.59 -28.43 -15.40
CA ASN D 18 13.92 -27.03 -15.77
C ASN D 18 15.07 -26.52 -14.87
N GLY D 19 16.26 -26.32 -15.46
CA GLY D 19 17.50 -25.97 -14.76
C GLY D 19 17.49 -24.56 -14.16
N LEU D 20 16.58 -23.68 -14.62
CA LEU D 20 16.47 -22.27 -14.15
C LEU D 20 15.36 -22.12 -13.11
N ALA D 21 14.62 -23.19 -12.83
CA ALA D 21 13.48 -23.16 -11.88
C ALA D 21 14.05 -23.35 -10.47
N LEU D 22 13.70 -22.47 -9.54
CA LEU D 22 14.11 -22.63 -8.12
C LEU D 22 13.10 -23.53 -7.41
N ALA D 23 13.35 -23.86 -6.15
CA ALA D 23 12.59 -24.87 -5.39
C ALA D 23 11.23 -24.32 -4.96
N GLU D 24 10.32 -25.25 -4.68
CA GLU D 24 9.05 -25.00 -3.95
C GLU D 24 9.15 -25.81 -2.66
N TYR D 25 8.55 -25.29 -1.59
CA TYR D 25 8.56 -25.93 -0.26
C TYR D 25 7.11 -26.03 0.25
N VAL D 26 6.84 -27.10 0.97
CA VAL D 26 5.51 -27.38 1.57
C VAL D 26 5.71 -27.61 3.05
N ILE D 27 4.90 -26.94 3.86
CA ILE D 27 4.81 -27.17 5.33
C ILE D 27 3.40 -27.70 5.60
N TYR D 28 3.20 -28.35 6.74
CA TYR D 28 1.92 -29.03 7.05
C TYR D 28 1.35 -28.46 8.36
N ARG D 29 1.98 -27.39 8.86
CA ARG D 29 1.57 -26.67 10.09
C ARG D 29 1.61 -25.17 9.78
N GLY D 30 0.48 -24.47 9.89
CA GLY D 30 0.40 -23.01 9.69
C GLY D 30 1.38 -22.25 10.57
N GLU D 31 1.68 -22.78 11.77
CA GLU D 31 2.58 -22.14 12.78
C GLU D 31 4.03 -22.09 12.27
N GLN D 32 4.36 -22.76 11.16
CA GLN D 32 5.76 -22.84 10.64
C GLN D 32 6.02 -21.77 9.58
N ALA D 33 5.12 -20.80 9.39
CA ALA D 33 5.38 -19.65 8.50
C ALA D 33 4.86 -18.37 9.15
N TYR D 34 5.61 -17.28 9.02
CA TYR D 34 5.20 -15.94 9.49
C TYR D 34 5.30 -14.98 8.32
N PRO D 35 4.19 -14.29 7.97
CA PRO D 35 4.19 -13.37 6.83
C PRO D 35 4.88 -12.06 7.26
N GLU D 36 6.13 -11.87 6.85
CA GLU D 36 6.98 -10.74 7.28
C GLU D 36 6.65 -9.49 6.47
N TYR D 37 6.50 -9.62 5.15
CA TYR D 37 6.31 -8.48 4.22
C TYR D 37 5.12 -8.73 3.29
N LEU D 38 4.31 -7.68 3.12
CA LEU D 38 3.21 -7.58 2.14
C LEU D 38 3.69 -6.66 1.02
N ILE D 39 3.79 -7.20 -0.19
CA ILE D 39 4.36 -6.50 -1.36
C ILE D 39 3.22 -6.23 -2.33
N THR D 40 2.95 -4.96 -2.61
CA THR D 40 1.94 -4.50 -3.59
C THR D 40 2.69 -4.13 -4.88
N TYR D 41 2.28 -4.66 -6.02
CA TYR D 41 3.05 -4.56 -7.28
C TYR D 41 2.14 -4.68 -8.50
N GLN D 42 2.67 -4.25 -9.63
CA GLN D 42 2.14 -4.58 -10.96
C GLN D 42 3.17 -5.44 -11.69
N ILE D 43 2.72 -6.34 -12.56
CA ILE D 43 3.63 -6.98 -13.55
C ILE D 43 3.82 -5.95 -14.67
N MET D 44 4.99 -5.88 -15.29
CA MET D 44 5.28 -4.90 -16.36
C MET D 44 5.28 -5.58 -17.73
N ARG D 45 4.58 -4.98 -18.71
CA ARG D 45 4.54 -5.39 -20.13
C ARG D 45 5.94 -5.30 -20.72
N PRO D 46 6.52 -6.39 -21.30
CA PRO D 46 7.82 -6.28 -21.96
C PRO D 46 7.77 -5.17 -23.03
N GLU D 47 8.85 -4.40 -23.17
CA GLU D 47 8.91 -3.20 -24.06
C GLU D 47 9.02 -3.65 -25.52
C4 I6D E . -1.20 9.25 -0.57
C5 I6D E . -1.53 10.50 -0.06
C6 I6D E . -2.44 12.54 0.90
C7 I6D E . -0.74 13.90 1.05
C8 I6D E . -0.56 11.50 0.05
C9 I6D E . 0.75 11.26 -0.34
N1 I6D E . -2.89 13.64 1.44
N2 I6D E . -1.79 14.50 1.55
C3 I6D E . 0.11 9.02 -0.96
N3 I6D E . -1.11 12.67 0.61
C1 I6D E . 2.51 9.73 -1.28
C2 I6D E . 1.09 10.01 -0.85
S1 I6D E . -3.14 11.01 0.45
ZN ZN F . 6.32 17.78 19.10
S SO4 G . -4.01 3.06 5.60
O1 SO4 G . -3.45 4.35 5.88
O2 SO4 G . -2.97 2.11 5.33
O3 SO4 G . -4.78 2.57 6.71
O4 SO4 G . -4.86 3.18 4.45
S SO4 H . -11.47 10.50 22.39
O1 SO4 H . -10.82 9.64 23.33
O2 SO4 H . -10.50 11.33 21.73
O3 SO4 H . -12.41 11.35 23.08
O4 SO4 H . -12.17 9.71 21.42
C1 GOL I . -14.48 -2.82 0.86
O1 GOL I . -13.44 -3.59 1.45
C2 GOL I . -15.33 -3.64 -0.07
O2 GOL I . -16.51 -2.93 -0.42
C3 GOL I . -14.59 -4.06 -1.32
O3 GOL I . -14.48 -5.48 -1.41
C4 I6D J . 2.88 -24.47 -5.77
C5 I6D J . 2.97 -23.19 -5.24
C6 I6D J . 3.47 -20.98 -4.38
C7 I6D J . 1.59 -20.20 -3.62
C8 I6D J . 1.83 -22.57 -4.69
C9 I6D J . 0.62 -23.22 -4.66
N1 I6D J . 3.72 -19.78 -3.92
N2 I6D J . 2.50 -19.29 -3.44
C3 I6D J . 1.66 -25.12 -5.75
N3 I6D J . 2.16 -21.28 -4.21
C1 I6D J . -0.80 -25.22 -5.20
C2 I6D J . 0.53 -24.50 -5.20
S1 I6D J . 4.44 -22.21 -5.14
ZN ZN K . -7.11 -5.84 -14.13
S SO4 L . 6.42 -23.79 -14.42
O1 SO4 L . 7.28 -24.35 -13.42
O2 SO4 L . 7.25 -23.16 -15.45
O3 SO4 L . 5.65 -24.84 -14.99
O4 SO4 L . 5.58 -22.82 -13.81
S SO4 M . 11.29 -5.43 -20.13
O1 SO4 M . 12.60 -5.33 -19.55
O2 SO4 M . 11.03 -4.29 -20.96
O3 SO4 M . 10.31 -5.48 -19.08
O4 SO4 M . 11.21 -6.62 -20.94
#